data_1N8X
#
_entry.id   1N8X
#
_entity_poly.entity_id   1
_entity_poly.type   'polyribonucleotide'
_entity_poly.pdbx_seq_one_letter_code
;GGACUCGGCUUGCUGGAGACGGCAAGAGGCGAGUCC
;
_entity_poly.pdbx_strand_id   A
#
loop_
_chem_comp.id
_chem_comp.type
_chem_comp.name
_chem_comp.formula
A RNA linking ADENOSINE-5'-MONOPHOSPHATE 'C10 H14 N5 O7 P'
C RNA linking CYTIDINE-5'-MONOPHOSPHATE 'C9 H14 N3 O8 P'
G RNA linking GUANOSINE-5'-MONOPHOSPHATE 'C10 H14 N5 O8 P'
U RNA linking URIDINE-5'-MONOPHOSPHATE 'C9 H13 N2 O9 P'
#